data_3UVV
#
_entry.id   3UVV
#
_cell.length_a   129.130
_cell.length_b   165.320
_cell.length_c   85.100
_cell.angle_alpha   90.00
_cell.angle_beta   90.00
_cell.angle_gamma   90.00
#
_symmetry.space_group_name_H-M   'C 2 2 21'
#
loop_
_entity.id
_entity.type
_entity.pdbx_description
1 polymer 'Thyroid hormone receptor alpha'
2 polymer 'Retinoic acid receptor RXR-alpha'
3 non-polymer "3,5,3'TRIIODOTHYRONINE"
4 non-polymer '(9cis)-retinoic acid'
5 water water
#
loop_
_entity_poly.entity_id
_entity_poly.type
_entity_poly.pdbx_seq_one_letter_code
_entity_poly.pdbx_strand_id
1 'polypeptide(L)'
;GSHEMIKSLQHRPSPSAEEWELIHVVTEAHRSTNAQGSHWKQKRKFLPEDIGQSPMASMPDGDKVDLEAFSEFTKIITPA
ITRVVDFAKKLPMFSELPCEDQIILLKGCCMEIMSLRAAVRYDPESETLTLSGEMAVKREQLKNGGLGVVSDAIFDLGKS
LSAFNLDDTEVALLQAVLLMSSDRTGLICVDKIEKCQETYLLAFEHYINYRKHNIPHFWPKLLMKVTDLRMIGACHASRF
LHMKVECPTELFPPLFLEVFEDQEV
;
A
2 'polypeptide(L)'
;MKKGSANEDMPVERILEAELAVEPKTETYVEANMGLNPSSPNDPVTNICQAADKQLFTLVEWAKRIPHFSELPLDDQVIL
LRAGWNELLIASFSHRSIAVKDGILLATGLHVHRNSAHSAGVGAIFDRVLTELVSKMRDMQMDKTELGCLRAIVLFNPDS
KGLSNPAEVEALREKVYASLEAYCKHKYPEQPGRFAKLLLRLPALRSIGLKCLEHLFFFKLIGDTPIDTFLMEMLEAPHQ
MTMT
;
B
#
loop_
_chem_comp.id
_chem_comp.type
_chem_comp.name
_chem_comp.formula
9CR non-polymer '(9cis)-retinoic acid' 'C20 H28 O2'
T3 non-polymer 3,5,3'TRIIODOTHYRONINE 'C15 H12 I3 N O4'
#
# COMPACT_ATOMS: atom_id res chain seq x y z
N GLU A 4 -31.34 -18.75 -14.02
CA GLU A 4 -30.01 -19.27 -13.67
C GLU A 4 -29.18 -19.37 -14.92
N MET A 5 -27.92 -19.92 -14.89
CA MET A 5 -27.00 -19.97 -16.05
C MET A 5 -26.96 -18.61 -16.76
N ILE A 6 -28.07 -18.20 -17.46
CA ILE A 6 -28.22 -16.89 -18.08
C ILE A 6 -28.18 -15.79 -16.98
N LYS A 7 -29.04 -15.94 -15.92
CA LYS A 7 -29.11 -15.00 -14.79
C LYS A 7 -27.74 -14.89 -14.13
N SER A 8 -27.04 -16.04 -14.04
CA SER A 8 -25.69 -16.18 -13.49
C SER A 8 -24.62 -15.60 -14.42
N LEU A 9 -24.79 -15.75 -15.73
CA LEU A 9 -23.81 -15.28 -16.70
C LEU A 9 -23.67 -13.78 -16.87
N GLN A 10 -24.33 -13.03 -15.96
CA GLN A 10 -24.23 -11.58 -15.77
C GLN A 10 -23.36 -11.39 -14.45
N HIS A 11 -22.11 -11.86 -14.62
CA HIS A 11 -20.95 -11.93 -13.77
C HIS A 11 -19.91 -11.01 -14.43
N ARG A 12 -18.81 -10.63 -13.71
CA ARG A 12 -17.78 -9.71 -14.22
C ARG A 12 -18.40 -8.53 -15.00
N PRO A 13 -19.29 -7.71 -14.37
CA PRO A 13 -19.96 -6.62 -15.10
C PRO A 13 -19.06 -5.59 -15.74
N SER A 14 -19.62 -4.86 -16.72
CA SER A 14 -18.97 -3.72 -17.34
C SER A 14 -19.59 -2.43 -16.73
N PRO A 15 -19.08 -1.22 -17.03
CA PRO A 15 -19.53 -0.03 -16.29
C PRO A 15 -20.99 0.40 -16.34
N SER A 16 -21.67 0.14 -15.25
CA SER A 16 -23.08 0.42 -15.05
C SER A 16 -23.47 1.89 -15.14
N ALA A 17 -23.66 2.35 -16.42
CA ALA A 17 -24.09 3.66 -16.94
C ALA A 17 -23.50 4.92 -16.30
N GLU A 18 -23.86 5.18 -15.01
CA GLU A 18 -23.38 6.31 -14.21
C GLU A 18 -21.85 6.21 -14.13
N GLU A 19 -21.36 4.95 -14.03
CA GLU A 19 -19.95 4.62 -13.96
C GLU A 19 -19.21 5.13 -15.19
N TRP A 20 -19.88 5.16 -16.37
CA TRP A 20 -19.27 5.66 -17.58
C TRP A 20 -19.16 7.16 -17.56
N GLU A 21 -20.07 7.85 -16.82
CA GLU A 21 -20.02 9.33 -16.67
C GLU A 21 -18.77 9.62 -15.84
N LEU A 22 -18.64 8.88 -14.70
CA LEU A 22 -17.51 8.93 -13.78
C LEU A 22 -16.23 8.62 -14.55
N ILE A 23 -16.17 7.48 -15.26
CA ILE A 23 -15.02 7.08 -16.08
C ILE A 23 -14.57 8.23 -16.98
N HIS A 24 -15.54 8.88 -17.66
CA HIS A 24 -15.29 10.00 -18.58
C HIS A 24 -14.81 11.28 -17.91
N VAL A 25 -15.47 11.72 -16.80
CA VAL A 25 -15.06 12.93 -16.07
C VAL A 25 -13.59 12.82 -15.66
N VAL A 26 -13.24 11.71 -14.96
CA VAL A 26 -11.91 11.37 -14.46
C VAL A 26 -10.92 11.15 -15.61
N THR A 27 -11.29 10.32 -16.61
CA THR A 27 -10.40 10.05 -17.75
C THR A 27 -9.93 11.39 -18.36
N GLU A 28 -10.85 12.38 -18.46
CA GLU A 28 -10.55 13.70 -18.99
C GLU A 28 -9.84 14.58 -18.02
N ALA A 29 -10.18 14.46 -16.71
CA ALA A 29 -9.50 15.20 -15.64
C ALA A 29 -8.01 14.80 -15.71
N HIS A 30 -7.71 13.49 -15.84
CA HIS A 30 -6.33 13.05 -16.01
C HIS A 30 -5.76 13.43 -17.40
N ARG A 31 -6.58 13.35 -18.46
CA ARG A 31 -6.15 13.67 -19.84
C ARG A 31 -5.64 15.11 -20.03
N SER A 32 -6.31 16.08 -19.36
CA SER A 32 -6.01 17.52 -19.39
C SER A 32 -4.83 17.92 -18.51
N THR A 33 -4.66 17.17 -17.41
CA THR A 33 -3.64 17.32 -16.36
C THR A 33 -2.35 16.51 -16.64
N ASN A 34 -2.38 15.58 -17.60
CA ASN A 34 -1.22 14.74 -17.94
C ASN A 34 -0.16 15.42 -18.81
N ALA A 35 0.06 16.74 -18.59
CA ALA A 35 1.04 17.57 -19.31
C ALA A 35 1.10 17.28 -20.83
N GLN A 36 2.11 16.52 -21.31
CA GLN A 36 2.22 16.16 -22.73
C GLN A 36 1.24 15.03 -23.02
N GLY A 37 0.28 15.28 -23.91
CA GLY A 37 -0.73 14.31 -24.28
C GLY A 37 -0.21 13.18 -25.14
N SER A 38 -0.81 13.03 -26.36
CA SER A 38 -0.44 11.99 -27.33
C SER A 38 0.99 12.11 -27.90
N HIS A 39 1.65 13.25 -27.64
CA HIS A 39 3.01 13.55 -28.13
C HIS A 39 4.03 13.77 -26.99
N TRP A 40 4.27 12.71 -26.20
CA TRP A 40 5.27 12.71 -25.11
C TRP A 40 6.54 12.01 -25.58
N LYS A 41 6.40 11.05 -26.52
CA LYS A 41 7.48 10.26 -27.13
C LYS A 41 8.20 11.16 -28.16
N GLN A 42 7.42 12.03 -28.86
CA GLN A 42 7.90 13.00 -29.85
C GLN A 42 8.58 14.16 -29.15
N LYS A 43 7.92 14.72 -28.12
CA LYS A 43 8.44 15.85 -27.32
C LYS A 43 9.27 15.35 -26.12
N ARG A 44 10.19 14.37 -26.39
CA ARG A 44 11.08 13.75 -25.40
C ARG A 44 12.48 14.39 -25.42
N LYS A 45 12.81 15.13 -24.34
CA LYS A 45 14.08 15.84 -24.18
C LYS A 45 15.00 15.19 -23.14
N PHE A 46 15.90 14.29 -23.62
CA PHE A 46 16.88 13.56 -22.82
C PHE A 46 17.76 14.51 -22.00
N LEU A 47 17.96 14.20 -20.72
CA LEU A 47 18.82 15.01 -19.86
C LEU A 47 20.28 14.60 -20.11
N PRO A 48 21.18 15.56 -20.41
CA PRO A 48 22.58 15.20 -20.72
C PRO A 48 23.32 14.54 -19.55
N GLU A 49 24.02 13.41 -19.81
CA GLU A 49 24.77 12.60 -18.85
C GLU A 49 25.53 13.37 -17.73
N ASP A 50 24.82 13.62 -16.60
CA ASP A 50 25.33 14.30 -15.40
C ASP A 50 24.72 13.76 -14.07
N ILE A 51 25.45 12.83 -13.42
CA ILE A 51 25.03 12.18 -12.18
C ILE A 51 26.22 11.77 -11.29
N PRO A 60 21.51 11.95 -3.97
CA PRO A 60 22.26 10.70 -3.88
C PRO A 60 22.01 9.98 -2.55
N ASP A 61 22.02 8.63 -2.60
CA ASP A 61 21.81 7.71 -1.48
C ASP A 61 22.44 8.18 -0.15
N ASP A 63 23.34 11.43 2.57
CA ASP A 63 23.11 12.09 1.28
C ASP A 63 24.37 12.78 0.75
N LYS A 64 24.36 13.16 -0.56
CA LYS A 64 25.43 13.85 -1.32
C LYS A 64 24.87 14.29 -2.70
N VAL A 65 23.74 15.04 -2.65
CA VAL A 65 22.92 15.56 -3.76
C VAL A 65 23.66 16.29 -4.88
N ASP A 66 23.59 15.75 -6.12
CA ASP A 66 24.16 16.37 -7.32
C ASP A 66 23.23 17.55 -7.68
N LEU A 67 23.63 18.77 -7.26
CA LEU A 67 22.89 20.01 -7.43
C LEU A 67 22.54 20.37 -8.88
N GLU A 68 23.35 19.88 -9.85
CA GLU A 68 23.14 20.11 -11.28
C GLU A 68 21.90 19.35 -11.80
N ALA A 69 21.72 18.08 -11.35
CA ALA A 69 20.57 17.25 -11.69
C ALA A 69 19.38 17.63 -10.80
N PHE A 70 19.63 18.05 -9.55
CA PHE A 70 18.62 18.50 -8.60
C PHE A 70 17.95 19.76 -9.09
N SER A 71 18.73 20.67 -9.73
CA SER A 71 18.23 21.95 -10.25
C SER A 71 17.20 21.75 -11.36
N GLU A 72 17.51 20.85 -12.30
CA GLU A 72 16.64 20.49 -13.43
C GLU A 72 15.28 19.95 -12.95
N PHE A 73 15.29 19.21 -11.81
CA PHE A 73 14.10 18.66 -11.18
C PHE A 73 13.30 19.80 -10.55
N THR A 74 13.93 20.60 -9.67
CA THR A 74 13.28 21.74 -8.99
C THR A 74 12.61 22.75 -9.96
N LYS A 75 13.12 22.80 -11.20
CA LYS A 75 12.60 23.63 -12.30
C LYS A 75 11.18 23.14 -12.61
N ILE A 76 11.09 21.90 -13.12
CA ILE A 76 9.87 21.21 -13.57
C ILE A 76 8.88 20.76 -12.48
N ILE A 77 9.33 20.63 -11.22
CA ILE A 77 8.49 20.16 -10.12
C ILE A 77 7.38 21.13 -9.71
N THR A 78 7.55 22.44 -9.95
CA THR A 78 6.52 23.42 -9.58
C THR A 78 5.23 23.23 -10.43
N PRO A 79 5.30 23.08 -11.79
CA PRO A 79 4.08 22.75 -12.55
C PRO A 79 3.53 21.35 -12.23
N ALA A 80 4.43 20.35 -12.04
CA ALA A 80 4.05 18.96 -11.74
C ALA A 80 3.09 18.83 -10.55
N ILE A 81 3.44 19.43 -9.40
CA ILE A 81 2.58 19.41 -8.22
C ILE A 81 1.26 20.07 -8.58
N THR A 82 1.32 21.19 -9.34
CA THR A 82 0.13 21.95 -9.74
C THR A 82 -0.88 21.14 -10.53
N ARG A 83 -0.38 20.35 -11.51
CA ARG A 83 -1.22 19.42 -12.27
C ARG A 83 -1.91 18.44 -11.25
N VAL A 84 -1.14 17.72 -10.41
CA VAL A 84 -1.72 16.84 -9.37
C VAL A 84 -2.82 17.57 -8.55
N VAL A 85 -2.76 18.92 -8.47
CA VAL A 85 -3.78 19.68 -7.76
C VAL A 85 -4.97 19.87 -8.70
N ASP A 86 -4.70 20.33 -9.96
CA ASP A 86 -5.68 20.55 -11.02
C ASP A 86 -6.56 19.32 -11.22
N PHE A 87 -5.95 18.12 -11.40
CA PHE A 87 -6.67 16.86 -11.57
C PHE A 87 -7.68 16.67 -10.43
N ALA A 88 -7.23 16.79 -9.18
CA ALA A 88 -8.10 16.64 -8.01
C ALA A 88 -9.25 17.65 -8.03
N LYS A 89 -8.97 18.94 -8.38
CA LYS A 89 -9.93 20.07 -8.47
C LYS A 89 -11.16 19.68 -9.32
N LYS A 90 -10.89 19.12 -10.53
CA LYS A 90 -11.84 18.65 -11.53
C LYS A 90 -12.75 17.50 -11.07
N LEU A 91 -12.32 16.67 -10.10
CA LEU A 91 -13.12 15.55 -9.59
C LEU A 91 -14.17 16.10 -8.64
N PRO A 92 -15.47 16.01 -9.02
CA PRO A 92 -16.54 16.64 -8.24
C PRO A 92 -16.70 16.23 -6.80
N MET A 93 -16.55 14.94 -6.49
CA MET A 93 -16.69 14.51 -5.10
C MET A 93 -15.55 15.00 -4.20
N PHE A 94 -14.42 15.43 -4.84
CA PHE A 94 -13.25 16.06 -4.20
C PHE A 94 -13.54 17.54 -3.97
N SER A 95 -14.03 18.24 -5.05
CA SER A 95 -14.41 19.65 -5.07
C SER A 95 -15.31 19.96 -3.88
N GLU A 96 -16.20 19.01 -3.54
CA GLU A 96 -17.19 19.06 -2.46
C GLU A 96 -16.60 18.85 -1.04
N LEU A 97 -15.25 18.74 -0.91
CA LEU A 97 -14.56 18.47 0.37
C LEU A 97 -13.98 19.67 1.10
N PRO A 98 -14.13 19.72 2.46
CA PRO A 98 -13.60 20.86 3.24
C PRO A 98 -12.16 21.32 3.00
N CYS A 99 -11.85 22.58 3.39
CA CYS A 99 -10.54 23.24 3.29
C CYS A 99 -9.40 22.35 3.79
N GLU A 100 -9.51 21.89 5.07
CA GLU A 100 -8.51 21.04 5.71
C GLU A 100 -8.48 19.66 5.08
N ASP A 101 -9.58 18.88 5.23
CA ASP A 101 -9.75 17.53 4.67
C ASP A 101 -9.21 17.35 3.25
N GLN A 102 -9.42 18.32 2.36
CA GLN A 102 -8.92 18.22 0.98
C GLN A 102 -7.46 18.62 0.79
N ILE A 103 -6.83 19.19 1.84
CA ILE A 103 -5.40 19.56 1.80
C ILE A 103 -4.58 18.37 2.30
N ILE A 104 -5.14 17.64 3.30
CA ILE A 104 -4.60 16.39 3.87
C ILE A 104 -4.53 15.32 2.75
N LEU A 105 -5.64 15.15 1.98
CA LEU A 105 -5.70 14.21 0.88
C LEU A 105 -4.71 14.62 -0.18
N LEU A 106 -4.63 15.91 -0.48
CA LEU A 106 -3.71 16.42 -1.52
C LEU A 106 -2.23 16.28 -1.18
N LYS A 107 -1.91 16.31 0.13
CA LYS A 107 -0.54 16.19 0.63
C LYS A 107 -0.12 14.72 0.58
N GLY A 108 -0.99 13.84 1.11
CA GLY A 108 -0.78 12.40 1.15
C GLY A 108 -0.56 11.73 -0.19
N CYS A 109 -1.39 12.05 -1.17
CA CYS A 109 -1.32 11.42 -2.48
C CYS A 109 -0.42 12.09 -3.50
N CYS A 110 0.03 13.33 -3.26
CA CYS A 110 0.83 14.06 -4.24
C CYS A 110 1.95 13.22 -4.86
N MET A 111 2.93 12.79 -4.05
CA MET A 111 4.08 12.01 -4.52
C MET A 111 3.70 10.67 -5.17
N GLU A 112 2.64 9.99 -4.63
CA GLU A 112 2.09 8.73 -5.17
C GLU A 112 1.74 8.94 -6.63
N ILE A 113 0.83 9.92 -6.91
CA ILE A 113 0.37 10.32 -8.24
C ILE A 113 1.53 10.75 -9.12
N MET A 114 2.46 11.54 -8.60
CA MET A 114 3.64 11.98 -9.36
C MET A 114 4.52 10.80 -9.81
N SER A 115 4.82 9.84 -8.89
CA SER A 115 5.56 8.60 -9.14
C SER A 115 4.80 7.74 -10.16
N LEU A 116 3.48 7.58 -9.98
CA LEU A 116 2.62 6.83 -10.90
C LEU A 116 2.66 7.49 -12.27
N ARG A 117 2.56 8.83 -12.31
CA ARG A 117 2.63 9.58 -13.55
C ARG A 117 4.00 9.39 -14.19
N ALA A 118 5.06 9.34 -13.38
CA ALA A 118 6.42 9.13 -13.88
C ALA A 118 6.63 7.68 -14.36
N ALA A 119 6.21 6.66 -13.56
CA ALA A 119 6.35 5.22 -13.81
C ALA A 119 5.67 4.72 -15.08
N VAL A 120 4.53 5.33 -15.47
CA VAL A 120 3.79 4.93 -16.68
C VAL A 120 4.51 5.36 -17.97
N ARG A 121 5.40 6.36 -17.87
CA ARG A 121 6.17 6.87 -19.00
C ARG A 121 7.58 6.21 -19.08
N TYR A 122 7.69 4.96 -18.61
CA TYR A 122 8.95 4.23 -18.67
C TYR A 122 9.06 3.47 -20.00
N ASP A 123 10.20 3.67 -20.73
CA ASP A 123 10.48 2.93 -21.97
C ASP A 123 11.70 1.99 -21.80
N PRO A 124 11.51 0.66 -22.00
CA PRO A 124 12.61 -0.30 -21.73
C PRO A 124 13.76 -0.33 -22.74
N GLU A 125 13.52 0.18 -23.97
CA GLU A 125 14.52 0.22 -25.03
C GLU A 125 15.63 1.19 -24.63
N SER A 126 15.23 2.32 -24.02
CA SER A 126 16.12 3.41 -23.58
C SER A 126 16.48 3.36 -22.08
N GLU A 127 15.68 2.60 -21.26
CA GLU A 127 15.83 2.51 -19.78
C GLU A 127 15.67 3.93 -19.18
N THR A 128 14.56 4.61 -19.54
CA THR A 128 14.27 5.97 -19.09
C THR A 128 12.80 6.23 -18.71
N LEU A 129 12.61 7.05 -17.68
CA LEU A 129 11.32 7.54 -17.20
C LEU A 129 11.23 8.93 -17.78
N THR A 130 10.03 9.50 -17.91
CA THR A 130 9.93 10.84 -18.48
C THR A 130 9.23 11.78 -17.52
N LEU A 131 10.01 12.63 -16.83
CA LEU A 131 9.47 13.59 -15.85
C LEU A 131 8.65 14.66 -16.56
N SER A 132 7.44 15.00 -16.03
CA SER A 132 6.50 16.00 -16.57
C SER A 132 6.18 15.87 -18.10
N GLY A 133 6.51 14.71 -18.69
CA GLY A 133 6.33 14.40 -20.12
C GLY A 133 7.38 15.02 -21.04
N GLU A 134 8.20 15.95 -20.50
CA GLU A 134 9.25 16.73 -21.20
C GLU A 134 10.65 16.10 -21.14
N MET A 135 11.14 15.88 -19.90
CA MET A 135 12.48 15.37 -19.56
C MET A 135 12.59 13.87 -19.29
N ALA A 136 13.41 13.19 -20.10
CA ALA A 136 13.68 11.76 -19.93
C ALA A 136 14.94 11.60 -19.06
N VAL A 137 14.80 10.91 -17.90
CA VAL A 137 15.89 10.68 -16.94
C VAL A 137 16.20 9.19 -16.75
N LYS A 138 17.47 8.86 -16.47
CA LYS A 138 17.92 7.49 -16.19
C LYS A 138 17.95 7.22 -14.68
N ARG A 139 18.01 5.91 -14.29
CA ARG A 139 18.03 5.46 -12.89
C ARG A 139 19.04 6.25 -12.03
N GLU A 140 20.32 6.31 -12.50
CA GLU A 140 21.42 7.03 -11.86
C GLU A 140 21.07 8.51 -11.70
N GLN A 141 20.52 9.11 -12.75
CA GLN A 141 20.15 10.53 -12.81
C GLN A 141 19.09 10.94 -11.81
N LEU A 142 18.03 10.14 -11.64
CA LEU A 142 16.96 10.50 -10.70
C LEU A 142 17.44 10.34 -9.24
N LYS A 143 18.28 9.29 -9.00
CA LYS A 143 18.90 8.94 -7.72
C LYS A 143 19.78 10.09 -7.24
N ASN A 144 20.86 10.35 -7.99
CA ASN A 144 21.87 11.38 -7.71
C ASN A 144 21.36 12.80 -7.58
N GLY A 145 20.19 13.07 -8.15
CA GLY A 145 19.56 14.40 -8.09
C GLY A 145 18.71 14.65 -6.86
N GLY A 146 18.81 13.78 -5.86
CA GLY A 146 18.05 13.95 -4.62
C GLY A 146 17.14 12.82 -4.19
N LEU A 147 16.58 12.03 -5.15
CA LEU A 147 15.65 10.93 -4.82
C LEU A 147 16.30 9.69 -4.22
N GLY A 148 17.59 9.50 -4.46
CA GLY A 148 18.34 8.37 -3.92
C GLY A 148 17.75 7.04 -4.30
N VAL A 149 17.49 6.19 -3.30
CA VAL A 149 16.91 4.86 -3.54
C VAL A 149 15.42 4.85 -3.91
N VAL A 150 14.76 6.02 -3.83
CA VAL A 150 13.35 6.19 -4.21
C VAL A 150 13.28 6.06 -5.73
N SER A 151 14.40 6.38 -6.44
CA SER A 151 14.49 6.28 -7.90
C SER A 151 14.35 4.83 -8.35
N ASP A 152 15.10 3.91 -7.74
CA ASP A 152 15.03 2.48 -8.07
C ASP A 152 13.59 2.02 -7.93
N ALA A 153 12.94 2.37 -6.80
CA ALA A 153 11.55 2.08 -6.47
C ALA A 153 10.58 2.53 -7.58
N ILE A 154 10.78 3.75 -8.13
CA ILE A 154 9.91 4.25 -9.20
C ILE A 154 10.19 3.50 -10.50
N PHE A 155 11.50 3.34 -10.83
CA PHE A 155 11.99 2.59 -12.00
C PHE A 155 11.47 1.15 -12.02
N ASP A 156 11.57 0.47 -10.87
CA ASP A 156 11.10 -0.90 -10.72
C ASP A 156 9.60 -1.00 -10.90
N LEU A 157 8.84 0.06 -10.53
CA LEU A 157 7.39 0.07 -10.72
C LEU A 157 7.06 0.23 -12.20
N GLY A 158 7.85 1.06 -12.89
CA GLY A 158 7.74 1.34 -14.31
C GLY A 158 7.94 0.11 -15.18
N LYS A 159 8.84 -0.79 -14.72
CA LYS A 159 9.14 -2.09 -15.34
C LYS A 159 7.95 -2.99 -15.09
N SER A 160 7.49 -3.04 -13.84
CA SER A 160 6.37 -3.85 -13.36
C SER A 160 5.04 -3.49 -14.04
N LEU A 161 4.75 -2.18 -14.15
CA LEU A 161 3.49 -1.69 -14.73
C LEU A 161 3.43 -1.78 -16.23
N SER A 162 4.59 -1.99 -16.89
CA SER A 162 4.67 -2.08 -18.36
C SER A 162 3.87 -3.28 -18.88
N ALA A 163 3.99 -4.42 -18.18
CA ALA A 163 3.28 -5.65 -18.50
C ALA A 163 1.76 -5.49 -18.38
N PHE A 164 1.30 -4.56 -17.52
CA PHE A 164 -0.11 -4.29 -17.26
C PHE A 164 -0.80 -3.60 -18.41
N ASN A 165 -0.04 -2.93 -19.30
CA ASN A 165 -0.54 -2.19 -20.47
C ASN A 165 -1.69 -1.29 -20.01
N LEU A 166 -1.40 -0.43 -19.04
CA LEU A 166 -2.41 0.46 -18.49
C LEU A 166 -2.71 1.55 -19.50
N ASP A 167 -3.97 1.95 -19.56
CA ASP A 167 -4.39 3.02 -20.46
C ASP A 167 -4.75 4.27 -19.64
N ASP A 168 -5.13 5.36 -20.33
CA ASP A 168 -5.50 6.63 -19.73
C ASP A 168 -6.57 6.54 -18.67
N THR A 169 -7.56 5.64 -18.86
CA THR A 169 -8.65 5.45 -17.91
C THR A 169 -8.15 4.74 -16.62
N GLU A 170 -7.37 3.66 -16.80
CA GLU A 170 -6.79 2.88 -15.71
C GLU A 170 -6.04 3.80 -14.76
N VAL A 171 -5.11 4.60 -15.33
CA VAL A 171 -4.28 5.56 -14.62
C VAL A 171 -5.17 6.54 -13.86
N ALA A 172 -6.07 7.26 -14.57
CA ALA A 172 -7.02 8.22 -14.00
C ALA A 172 -7.74 7.66 -12.77
N LEU A 173 -8.24 6.41 -12.88
CA LEU A 173 -8.95 5.73 -11.80
C LEU A 173 -8.06 5.32 -10.63
N LEU A 174 -6.79 4.99 -10.93
CA LEU A 174 -5.84 4.61 -9.89
C LEU A 174 -5.53 5.84 -9.01
N GLN A 175 -5.34 7.00 -9.69
CA GLN A 175 -5.10 8.34 -9.17
C GLN A 175 -6.23 8.76 -8.24
N ALA A 176 -7.48 8.58 -8.69
CA ALA A 176 -8.66 8.87 -7.90
C ALA A 176 -8.69 8.03 -6.64
N VAL A 177 -8.19 6.75 -6.71
CA VAL A 177 -8.16 5.81 -5.58
C VAL A 177 -7.12 6.24 -4.57
N LEU A 178 -5.93 6.62 -5.07
CA LEU A 178 -4.82 7.11 -4.27
C LEU A 178 -5.23 8.39 -3.50
N LEU A 179 -6.01 9.25 -4.17
CA LEU A 179 -6.52 10.49 -3.61
C LEU A 179 -7.56 10.29 -2.50
N MET A 180 -8.44 9.31 -2.64
CA MET A 180 -9.54 9.09 -1.72
C MET A 180 -9.28 8.16 -0.55
N SER A 181 -8.07 8.22 0.00
CA SER A 181 -7.67 7.39 1.14
C SER A 181 -8.26 7.89 2.46
N SER A 182 -9.15 7.09 3.10
CA SER A 182 -9.72 7.42 4.41
C SER A 182 -8.67 7.14 5.53
N ASP A 183 -7.51 6.56 5.16
CA ASP A 183 -6.40 6.21 6.03
C ASP A 183 -5.26 7.25 5.94
N ARG A 184 -5.62 8.49 6.26
CA ARG A 184 -4.76 9.66 6.32
C ARG A 184 -5.07 10.27 7.66
N THR A 185 -4.10 10.94 8.27
CA THR A 185 -4.26 11.52 9.60
C THR A 185 -5.09 12.80 9.55
N GLY A 186 -6.00 12.91 10.53
CA GLY A 186 -6.84 14.08 10.72
C GLY A 186 -7.84 14.35 9.63
N LEU A 187 -8.74 13.38 9.40
CA LEU A 187 -9.82 13.53 8.44
C LEU A 187 -11.15 13.57 9.19
N ILE A 188 -12.06 14.45 8.75
CA ILE A 188 -13.37 14.60 9.37
C ILE A 188 -14.56 14.17 8.50
N CYS A 189 -14.41 14.18 7.15
CA CYS A 189 -15.44 13.70 6.22
C CYS A 189 -15.50 12.17 6.33
N VAL A 190 -14.29 11.54 6.39
CA VAL A 190 -14.04 10.11 6.55
C VAL A 190 -14.88 9.25 5.60
N ASP A 191 -16.09 8.83 6.05
CA ASP A 191 -17.05 7.98 5.33
C ASP A 191 -17.42 8.59 3.99
N LYS A 192 -17.45 9.93 3.94
CA LYS A 192 -17.72 10.68 2.72
C LYS A 192 -16.59 10.39 1.72
N ILE A 193 -15.32 10.41 2.20
CA ILE A 193 -14.11 10.12 1.41
C ILE A 193 -14.04 8.61 1.07
N GLU A 194 -14.41 7.74 2.04
CA GLU A 194 -14.41 6.29 1.90
C GLU A 194 -15.38 5.84 0.82
N LYS A 195 -16.61 6.40 0.82
CA LYS A 195 -17.63 6.06 -0.19
C LYS A 195 -17.28 6.63 -1.55
N CYS A 196 -16.49 7.69 -1.59
CA CYS A 196 -16.03 8.22 -2.86
C CYS A 196 -15.08 7.20 -3.51
N GLN A 197 -14.20 6.58 -2.70
CA GLN A 197 -13.25 5.58 -3.18
C GLN A 197 -13.97 4.31 -3.57
N GLU A 198 -14.99 3.94 -2.78
CA GLU A 198 -15.86 2.79 -3.00
C GLU A 198 -16.45 2.86 -4.43
N THR A 199 -17.06 4.02 -4.79
CA THR A 199 -17.67 4.19 -6.11
C THR A 199 -16.64 4.06 -7.21
N TYR A 200 -15.55 4.83 -7.11
CA TYR A 200 -14.46 4.86 -8.08
C TYR A 200 -13.84 3.48 -8.30
N LEU A 201 -13.73 2.66 -7.23
CA LEU A 201 -13.15 1.33 -7.33
C LEU A 201 -14.07 0.44 -8.14
N LEU A 202 -15.38 0.41 -7.77
CA LEU A 202 -16.44 -0.34 -8.44
C LEU A 202 -16.45 -0.08 -9.93
N ALA A 203 -16.28 1.20 -10.33
CA ALA A 203 -16.19 1.62 -11.72
C ALA A 203 -14.94 1.03 -12.36
N PHE A 204 -13.78 1.20 -11.66
CA PHE A 204 -12.45 0.73 -12.06
C PHE A 204 -12.49 -0.80 -12.27
N GLU A 205 -13.17 -1.54 -11.35
CA GLU A 205 -13.32 -3.00 -11.47
C GLU A 205 -14.02 -3.31 -12.78
N HIS A 206 -15.19 -2.69 -12.99
CA HIS A 206 -16.01 -2.88 -14.17
C HIS A 206 -15.27 -2.47 -15.43
N TYR A 207 -14.63 -1.30 -15.45
CA TYR A 207 -13.85 -0.90 -16.62
C TYR A 207 -12.75 -1.96 -16.93
N ILE A 208 -12.16 -2.54 -15.87
CA ILE A 208 -11.12 -3.56 -15.99
C ILE A 208 -11.69 -4.88 -16.59
N ASN A 209 -12.93 -5.23 -16.15
CA ASN A 209 -13.69 -6.40 -16.61
C ASN A 209 -13.94 -6.23 -18.10
N TYR A 210 -14.37 -4.99 -18.50
CA TYR A 210 -14.64 -4.54 -19.85
C TYR A 210 -13.40 -4.59 -20.72
N ARG A 211 -12.25 -4.11 -20.20
CA ARG A 211 -10.98 -4.06 -20.93
C ARG A 211 -10.44 -5.41 -21.37
N LYS A 212 -10.75 -6.47 -20.57
CA LYS A 212 -10.33 -7.86 -20.80
C LYS A 212 -8.82 -7.96 -21.06
N HIS A 213 -8.01 -7.81 -20.01
CA HIS A 213 -6.56 -7.86 -20.17
C HIS A 213 -6.04 -9.29 -20.34
N ASN A 214 -4.97 -9.41 -21.13
CA ASN A 214 -4.26 -10.67 -21.39
C ASN A 214 -3.49 -11.19 -20.13
N ILE A 215 -3.89 -10.68 -18.92
CA ILE A 215 -3.29 -11.01 -17.63
C ILE A 215 -4.32 -11.64 -16.66
N PRO A 216 -4.03 -12.86 -16.14
CA PRO A 216 -4.94 -13.44 -15.11
C PRO A 216 -4.67 -12.78 -13.75
N HIS A 217 -5.73 -12.55 -12.95
CA HIS A 217 -5.68 -11.87 -11.64
C HIS A 217 -5.23 -10.37 -11.73
N PHE A 218 -5.48 -9.73 -12.88
CA PHE A 218 -5.14 -8.33 -13.16
C PHE A 218 -5.60 -7.37 -12.05
N TRP A 219 -6.91 -7.39 -11.71
CA TRP A 219 -7.49 -6.53 -10.67
C TRP A 219 -6.75 -6.60 -9.34
N PRO A 220 -6.61 -7.78 -8.67
CA PRO A 220 -5.82 -7.79 -7.42
C PRO A 220 -4.35 -7.48 -7.70
N LYS A 221 -3.73 -8.09 -8.75
CA LYS A 221 -2.34 -7.83 -9.17
C LYS A 221 -2.03 -6.32 -9.25
N LEU A 222 -3.03 -5.52 -9.69
CA LEU A 222 -2.94 -4.07 -9.83
C LEU A 222 -3.06 -3.39 -8.49
N LEU A 223 -4.15 -3.67 -7.73
CA LEU A 223 -4.41 -3.11 -6.41
C LEU A 223 -3.25 -3.26 -5.42
N MET A 224 -2.37 -4.25 -5.63
CA MET A 224 -1.20 -4.51 -4.78
C MET A 224 -0.10 -3.49 -5.07
N LYS A 225 -0.16 -2.85 -6.25
CA LYS A 225 0.79 -1.79 -6.64
C LYS A 225 0.60 -0.53 -5.75
N VAL A 226 -0.62 -0.37 -5.13
CA VAL A 226 -0.94 0.71 -4.21
C VAL A 226 0.08 0.74 -3.04
N THR A 227 0.52 -0.45 -2.57
CA THR A 227 1.52 -0.59 -1.52
C THR A 227 2.84 -0.03 -2.01
N ASP A 228 3.25 -0.40 -3.25
CA ASP A 228 4.50 0.09 -3.84
C ASP A 228 4.52 1.61 -3.88
N LEU A 229 3.38 2.22 -4.29
CA LEU A 229 3.19 3.67 -4.37
C LEU A 229 3.15 4.30 -2.99
N ARG A 230 2.36 3.72 -2.06
CA ARG A 230 2.27 4.18 -0.69
C ARG A 230 3.69 4.22 -0.11
N MET A 231 4.51 3.21 -0.43
CA MET A 231 5.89 3.17 0.06
C MET A 231 6.82 4.14 -0.61
N ILE A 232 6.58 4.46 -1.91
CA ILE A 232 7.38 5.45 -2.66
C ILE A 232 7.13 6.82 -2.05
N GLY A 233 5.92 7.02 -1.53
CA GLY A 233 5.53 8.24 -0.84
C GLY A 233 6.28 8.42 0.46
N ALA A 234 6.23 7.38 1.33
CA ALA A 234 6.85 7.37 2.65
C ALA A 234 8.36 7.53 2.62
N CYS A 235 9.03 6.91 1.63
CA CYS A 235 10.49 7.01 1.48
C CYS A 235 10.84 8.40 1.01
N HIS A 236 10.02 8.98 0.12
CA HIS A 236 10.22 10.34 -0.36
C HIS A 236 10.34 11.33 0.81
N ALA A 237 9.44 11.23 1.81
CA ALA A 237 9.37 12.07 3.00
C ALA A 237 10.67 12.04 3.79
N SER A 238 11.24 10.83 4.00
CA SER A 238 12.49 10.67 4.71
C SER A 238 13.66 11.20 3.84
N ARG A 239 13.61 10.89 2.54
CA ARG A 239 14.58 11.33 1.53
C ARG A 239 14.58 12.87 1.41
N PHE A 240 13.46 13.49 1.75
CA PHE A 240 13.29 14.94 1.72
C PHE A 240 13.99 15.55 2.92
N LEU A 241 13.89 14.89 4.09
CA LEU A 241 14.54 15.33 5.31
C LEU A 241 16.04 15.34 5.10
N HIS A 242 16.58 14.27 4.47
CA HIS A 242 18.02 14.21 4.17
C HIS A 242 18.43 15.30 3.16
N MET A 243 17.51 15.68 2.25
CA MET A 243 17.79 16.75 1.28
C MET A 243 17.95 18.09 2.05
N LYS A 244 17.01 18.37 2.99
CA LYS A 244 16.98 19.56 3.86
C LYS A 244 18.29 19.81 4.64
N VAL A 245 18.98 18.72 5.04
CA VAL A 245 20.26 18.75 5.75
C VAL A 245 21.34 19.19 4.76
N GLU A 246 21.36 18.50 3.61
CA GLU A 246 22.29 18.69 2.50
C GLU A 246 22.08 20.02 1.78
N CYS A 247 20.93 20.69 1.96
CA CYS A 247 20.71 21.96 1.26
C CYS A 247 21.13 23.27 1.95
N PRO A 248 20.59 24.54 1.98
CA PRO A 248 19.53 25.31 1.36
C PRO A 248 18.11 24.95 1.02
N THR A 249 17.24 25.57 1.84
CA THR A 249 15.77 25.56 1.79
C THR A 249 15.25 26.53 0.74
N GLU A 250 16.15 27.38 0.22
CA GLU A 250 15.87 28.39 -0.79
C GLU A 250 15.88 27.73 -2.16
N LEU A 251 16.53 26.57 -2.27
CA LEU A 251 16.58 25.78 -3.51
C LEU A 251 15.22 25.11 -3.76
N PHE A 252 14.48 24.84 -2.67
CA PHE A 252 13.17 24.20 -2.73
C PHE A 252 12.09 25.23 -3.12
N PRO A 253 11.34 24.98 -4.22
CA PRO A 253 10.26 25.89 -4.60
C PRO A 253 9.23 26.02 -3.48
N PRO A 254 8.54 27.16 -3.33
CA PRO A 254 7.62 27.31 -2.16
C PRO A 254 6.52 26.27 -2.14
N LEU A 255 6.05 25.84 -3.33
CA LEU A 255 5.01 24.82 -3.53
C LEU A 255 5.48 23.48 -3.01
N PHE A 256 6.71 23.06 -3.40
CA PHE A 256 7.37 21.82 -2.94
C PHE A 256 7.43 21.80 -1.42
N LEU A 257 7.75 22.96 -0.82
CA LEU A 257 7.78 23.11 0.63
C LEU A 257 6.37 23.04 1.20
N GLU A 258 5.38 23.61 0.49
CA GLU A 258 3.98 23.62 0.91
C GLU A 258 3.44 22.20 1.13
N VAL A 259 3.67 21.32 0.14
CA VAL A 259 3.23 19.92 0.09
C VAL A 259 3.98 19.03 1.08
N PHE A 260 5.32 19.11 1.04
CA PHE A 260 6.19 18.23 1.81
C PHE A 260 6.59 18.63 3.23
N GLU A 261 6.81 19.93 3.53
CA GLU A 261 7.17 20.36 4.89
C GLU A 261 5.95 20.23 5.80
N ASP A 262 6.03 19.27 6.77
CA ASP A 262 5.03 18.83 7.77
C ASP A 262 4.61 17.37 7.53
N ASN B 7 -10.83 -23.33 -9.07
CA ASN B 7 -11.60 -22.40 -8.24
C ASN B 7 -11.22 -22.45 -6.74
N GLU B 8 -11.24 -23.67 -6.12
CA GLU B 8 -10.87 -23.91 -4.73
C GLU B 8 -9.67 -24.87 -4.65
N ASP B 9 -8.53 -24.37 -5.14
CA ASP B 9 -7.20 -24.99 -5.13
C ASP B 9 -6.48 -24.35 -3.91
N MET B 10 -7.29 -23.64 -3.10
CA MET B 10 -7.00 -22.86 -1.90
C MET B 10 -8.40 -22.71 -1.22
N PRO B 11 -8.86 -23.68 -0.40
CA PRO B 11 -10.20 -23.58 0.18
C PRO B 11 -10.30 -22.61 1.35
N VAL B 12 -11.21 -21.64 1.21
CA VAL B 12 -11.53 -20.62 2.21
C VAL B 12 -11.89 -21.23 3.58
N GLU B 13 -12.49 -22.42 3.55
CA GLU B 13 -12.90 -23.18 4.73
C GLU B 13 -11.67 -23.74 5.43
N ARG B 14 -10.67 -24.23 4.65
CA ARG B 14 -9.38 -24.75 5.15
C ARG B 14 -8.55 -23.59 5.78
N ILE B 15 -8.66 -22.38 5.19
CA ILE B 15 -8.01 -21.15 5.67
C ILE B 15 -8.70 -20.62 6.96
N LEU B 16 -10.06 -20.50 6.95
CA LEU B 16 -10.83 -20.08 8.12
C LEU B 16 -10.57 -21.01 9.31
N GLU B 17 -10.37 -22.32 9.03
CA GLU B 17 -10.06 -23.35 10.01
C GLU B 17 -8.73 -23.07 10.69
N ALA B 18 -7.67 -22.72 9.91
CA ALA B 18 -6.34 -22.38 10.43
C ALA B 18 -6.49 -21.26 11.47
N GLU B 19 -7.27 -20.20 11.14
CA GLU B 19 -7.56 -19.07 12.02
C GLU B 19 -8.19 -19.51 13.35
N LEU B 20 -9.16 -20.42 13.29
CA LEU B 20 -9.88 -20.93 14.45
C LEU B 20 -9.05 -21.89 15.30
N ALA B 21 -8.15 -22.64 14.64
CA ALA B 21 -7.24 -23.58 15.28
C ALA B 21 -6.26 -22.90 16.25
N VAL B 22 -5.86 -21.66 15.95
CA VAL B 22 -4.93 -20.88 16.76
C VAL B 22 -5.62 -19.81 17.62
N GLU B 23 -6.74 -19.23 17.12
CA GLU B 23 -7.43 -18.19 17.86
C GLU B 23 -8.64 -18.61 18.68
N PRO B 24 -8.58 -18.33 20.02
CA PRO B 24 -9.74 -18.63 20.89
C PRO B 24 -10.83 -17.53 20.87
N LYS B 25 -12.02 -17.87 21.42
CA LYS B 25 -13.21 -17.03 21.52
C LYS B 25 -13.14 -15.90 22.59
N THR B 26 -13.84 -14.77 22.32
CA THR B 26 -13.93 -13.60 23.22
C THR B 26 -15.32 -13.60 23.88
N PRO B 41 5.26 -7.88 34.69
CA PRO B 41 5.59 -6.60 34.05
C PRO B 41 4.46 -5.56 34.08
N ASN B 42 4.79 -4.30 33.76
CA ASN B 42 3.88 -3.14 33.73
C ASN B 42 3.99 -2.38 32.39
N ASP B 43 5.25 -2.18 31.90
CA ASP B 43 5.64 -1.48 30.67
C ASP B 43 4.82 -1.98 29.46
N PRO B 44 3.99 -1.10 28.82
CA PRO B 44 3.20 -1.56 27.66
C PRO B 44 4.06 -2.17 26.56
N VAL B 45 5.17 -1.51 26.21
CA VAL B 45 6.14 -1.98 25.20
C VAL B 45 6.69 -3.39 25.54
N THR B 46 6.92 -3.69 26.83
CA THR B 46 7.39 -5.00 27.30
C THR B 46 6.26 -6.00 27.17
N ASN B 47 5.05 -5.60 27.58
CA ASN B 47 3.86 -6.44 27.52
C ASN B 47 3.53 -6.88 26.09
N ILE B 48 3.69 -5.95 25.12
CA ILE B 48 3.48 -6.18 23.70
C ILE B 48 4.56 -7.16 23.20
N CYS B 49 5.83 -7.01 23.66
CA CYS B 49 6.98 -7.87 23.33
C CYS B 49 6.82 -9.30 23.82
N GLN B 50 6.12 -9.46 24.98
CA GLN B 50 5.83 -10.74 25.62
C GLN B 50 4.82 -11.46 24.76
N ALA B 51 3.69 -10.76 24.45
CA ALA B 51 2.59 -11.20 23.59
C ALA B 51 3.17 -11.69 22.28
N ALA B 52 3.95 -10.82 21.56
CA ALA B 52 4.65 -11.14 20.31
C ALA B 52 5.45 -12.47 20.37
N ASP B 53 6.24 -12.70 21.43
CA ASP B 53 7.03 -13.94 21.57
C ASP B 53 6.17 -15.22 21.59
N LYS B 54 5.09 -15.21 22.41
CA LYS B 54 4.10 -16.29 22.56
C LYS B 54 3.43 -16.61 21.21
N GLN B 55 3.04 -15.55 20.49
CA GLN B 55 2.35 -15.60 19.21
C GLN B 55 3.20 -16.06 18.09
N LEU B 56 4.54 -15.96 18.21
CA LEU B 56 5.44 -16.43 17.16
C LEU B 56 5.41 -17.96 17.08
N PHE B 57 5.11 -18.60 18.22
CA PHE B 57 4.91 -20.04 18.30
C PHE B 57 3.62 -20.40 17.58
N THR B 58 2.51 -19.74 17.97
CA THR B 58 1.19 -19.98 17.40
C THR B 58 1.18 -19.66 15.89
N LEU B 59 1.95 -18.61 15.48
CA LEU B 59 2.03 -18.16 14.10
C LEU B 59 2.47 -19.26 13.16
N VAL B 60 3.56 -19.95 13.49
CA VAL B 60 4.07 -21.05 12.67
C VAL B 60 3.03 -22.20 12.61
N GLU B 61 2.28 -22.44 13.73
CA GLU B 61 1.24 -23.45 13.74
C GLU B 61 0.23 -23.07 12.65
N TRP B 62 -0.39 -21.85 12.77
CA TRP B 62 -1.34 -21.27 11.81
C TRP B 62 -0.84 -21.42 10.36
N ALA B 63 0.44 -21.05 10.13
CA ALA B 63 1.10 -21.10 8.83
C ALA B 63 1.04 -22.49 8.20
N LYS B 64 1.45 -23.53 8.97
CA LYS B 64 1.46 -24.93 8.55
C LYS B 64 0.03 -25.42 8.19
N ARG B 65 -1.00 -24.83 8.84
CA ARG B 65 -2.42 -25.14 8.70
C ARG B 65 -3.10 -24.45 7.51
N ILE B 66 -2.31 -23.72 6.72
CA ILE B 66 -2.72 -23.02 5.51
C ILE B 66 -2.39 -23.94 4.32
N PRO B 67 -3.39 -24.19 3.42
CA PRO B 67 -3.12 -25.04 2.25
C PRO B 67 -1.83 -24.73 1.50
N HIS B 68 -1.03 -25.77 1.25
CA HIS B 68 0.23 -25.77 0.49
C HIS B 68 1.42 -25.07 1.11
N PHE B 69 1.29 -24.53 2.33
CA PHE B 69 2.42 -23.84 2.95
C PHE B 69 3.54 -24.82 3.25
N SER B 70 3.19 -25.96 3.89
CA SER B 70 4.11 -27.03 4.28
C SER B 70 4.76 -27.74 3.11
N GLU B 71 4.16 -27.62 1.91
CA GLU B 71 4.74 -28.22 0.71
C GLU B 71 5.92 -27.47 0.09
N LEU B 72 6.12 -26.19 0.46
CA LEU B 72 7.23 -25.35 -0.01
C LEU B 72 8.55 -25.82 0.66
N PRO B 73 9.77 -25.55 0.09
CA PRO B 73 11.03 -25.98 0.77
C PRO B 73 11.10 -25.45 2.21
N LEU B 74 11.73 -26.19 3.14
CA LEU B 74 11.80 -25.75 4.54
C LEU B 74 12.45 -24.38 4.74
N ASP B 75 13.45 -24.05 3.91
CA ASP B 75 14.14 -22.77 3.97
C ASP B 75 13.24 -21.62 3.49
N ASP B 76 12.33 -21.91 2.52
CA ASP B 76 11.34 -20.98 1.98
C ASP B 76 10.27 -20.66 3.04
N GLN B 77 9.78 -21.71 3.75
CA GLN B 77 8.80 -21.63 4.84
C GLN B 77 9.30 -20.63 5.90
N VAL B 78 10.61 -20.69 6.18
CA VAL B 78 11.33 -19.81 7.10
C VAL B 78 11.39 -18.42 6.47
N ILE B 79 11.94 -18.32 5.24
CA ILE B 79 12.06 -17.05 4.49
C ILE B 79 10.75 -16.23 4.60
N LEU B 80 9.61 -16.87 4.27
CA LEU B 80 8.27 -16.29 4.30
C LEU B 80 7.80 -15.84 5.67
N LEU B 81 7.99 -16.69 6.70
CA LEU B 81 7.58 -16.37 8.06
C LEU B 81 8.49 -15.32 8.69
N ARG B 82 9.79 -15.35 8.32
CA ARG B 82 10.76 -14.36 8.81
C ARG B 82 10.44 -13.01 8.22
N ALA B 83 9.95 -12.99 6.98
CA ALA B 83 9.55 -11.81 6.24
C ALA B 83 8.24 -11.16 6.70
N GLY B 84 7.19 -11.95 6.88
CA GLY B 84 5.89 -11.39 7.23
C GLY B 84 5.42 -11.42 8.66
N TRP B 85 6.21 -12.01 9.58
CA TRP B 85 5.80 -12.16 10.97
C TRP B 85 5.13 -10.92 11.62
N ASN B 86 5.75 -9.72 11.44
CA ASN B 86 5.27 -8.46 12.01
C ASN B 86 3.87 -8.13 11.52
N GLU B 87 3.68 -8.08 10.20
CA GLU B 87 2.42 -7.77 9.54
C GLU B 87 1.35 -8.77 9.96
N LEU B 88 1.72 -10.06 10.01
CA LEU B 88 0.84 -11.16 10.39
C LEU B 88 0.33 -10.96 11.81
N LEU B 89 1.25 -10.85 12.78
CA LEU B 89 0.95 -10.59 14.18
C LEU B 89 0.11 -9.32 14.34
N ILE B 90 0.48 -8.23 13.63
CA ILE B 90 -0.28 -6.98 13.67
C ILE B 90 -1.73 -7.18 13.26
N ALA B 91 -1.94 -7.83 12.10
CA ALA B 91 -3.27 -8.13 11.58
C ALA B 91 -4.07 -8.94 12.60
N SER B 92 -3.49 -10.02 13.11
CA SER B 92 -4.12 -10.90 14.09
C SER B 92 -4.55 -10.19 15.41
N PHE B 93 -3.71 -9.29 15.94
CA PHE B 93 -4.11 -8.59 17.16
C PHE B 93 -5.13 -7.49 16.88
N SER B 94 -5.00 -6.82 15.72
CA SER B 94 -5.92 -5.75 15.25
C SER B 94 -7.37 -6.24 15.07
N HIS B 95 -7.54 -7.49 14.61
CA HIS B 95 -8.85 -8.09 14.39
C HIS B 95 -9.48 -8.57 15.71
N ARG B 96 -8.65 -8.99 16.66
CA ARG B 96 -9.06 -9.42 17.98
C ARG B 96 -9.53 -8.18 18.78
N SER B 97 -8.94 -7.01 18.47
CA SER B 97 -9.23 -5.74 19.11
C SER B 97 -10.49 -5.02 18.59
N ILE B 98 -11.17 -5.56 17.54
CA ILE B 98 -12.37 -4.94 16.95
C ILE B 98 -13.44 -4.55 17.98
N ALA B 99 -13.59 -5.35 19.04
CA ALA B 99 -14.50 -5.09 20.14
C ALA B 99 -13.87 -3.99 21.02
N VAL B 100 -12.66 -4.30 21.56
CA VAL B 100 -11.81 -3.48 22.43
C VAL B 100 -11.74 -2.02 21.99
N LYS B 101 -12.55 -1.20 22.66
CA LYS B 101 -12.71 0.21 22.38
C LYS B 101 -11.47 1.02 22.78
N ASP B 102 -11.05 1.94 21.88
CA ASP B 102 -9.94 2.88 22.05
C ASP B 102 -8.54 2.26 22.35
N GLY B 103 -8.48 0.96 22.60
CA GLY B 103 -7.25 0.24 22.88
C GLY B 103 -7.07 -1.04 22.08
N ILE B 104 -6.07 -1.84 22.50
CA ILE B 104 -5.71 -3.11 21.88
C ILE B 104 -5.72 -4.25 22.88
N LEU B 105 -6.22 -5.42 22.45
CA LEU B 105 -6.26 -6.65 23.23
C LEU B 105 -5.09 -7.54 22.82
N LEU B 106 -4.31 -7.98 23.81
CA LEU B 106 -3.14 -8.86 23.62
C LEU B 106 -3.54 -10.30 23.75
N ALA B 107 -2.70 -11.21 23.22
CA ALA B 107 -2.93 -12.65 23.29
C ALA B 107 -2.72 -13.17 24.72
N THR B 108 -2.09 -12.32 25.58
CA THR B 108 -1.83 -12.62 26.98
C THR B 108 -3.01 -12.15 27.84
N GLY B 109 -4.18 -11.98 27.20
CA GLY B 109 -5.41 -11.54 27.84
C GLY B 109 -5.38 -10.09 28.30
N LEU B 110 -4.18 -9.48 28.32
CA LEU B 110 -3.95 -8.10 28.73
C LEU B 110 -4.47 -7.11 27.70
N HIS B 111 -4.73 -5.90 28.15
CA HIS B 111 -5.24 -4.81 27.32
C HIS B 111 -4.24 -3.67 27.44
N VAL B 112 -4.02 -2.95 26.33
CA VAL B 112 -3.14 -1.78 26.27
C VAL B 112 -3.99 -0.64 25.72
N HIS B 113 -4.05 0.49 26.46
CA HIS B 113 -4.87 1.63 26.05
C HIS B 113 -4.08 2.77 25.41
N ARG B 114 -4.74 3.49 24.49
CA ARG B 114 -4.23 4.65 23.72
C ARG B 114 -3.37 5.60 24.55
N ASN B 115 -3.84 5.94 25.76
CA ASN B 115 -3.20 6.86 26.70
C ASN B 115 -1.84 6.31 27.18
N SER B 116 -1.82 5.01 27.57
CA SER B 116 -0.65 4.26 28.03
C SER B 116 0.41 4.16 26.92
N ALA B 117 -0.06 4.13 25.66
CA ALA B 117 0.80 4.06 24.50
C ALA B 117 1.57 5.35 24.41
N HIS B 118 0.85 6.49 24.47
CA HIS B 118 1.40 7.83 24.44
C HIS B 118 2.43 8.06 25.53
N SER B 119 2.17 7.51 26.73
CA SER B 119 3.05 7.57 27.90
C SER B 119 4.39 6.89 27.60
N ALA B 120 4.34 5.76 26.87
CA ALA B 120 5.52 5.00 26.45
C ALA B 120 6.21 5.63 25.21
N GLY B 121 5.64 6.73 24.71
CA GLY B 121 6.15 7.48 23.56
C GLY B 121 5.63 6.99 22.23
N VAL B 122 5.23 5.70 22.18
CA VAL B 122 4.72 4.91 21.05
C VAL B 122 3.28 5.27 20.57
N GLY B 123 2.72 6.36 21.08
CA GLY B 123 1.36 6.81 20.77
C GLY B 123 1.07 7.08 19.31
N ALA B 124 2.09 7.50 18.54
CA ALA B 124 1.97 7.83 17.11
C ALA B 124 1.59 6.60 16.29
N ILE B 125 2.43 5.53 16.34
CA ILE B 125 2.17 4.29 15.64
C ILE B 125 0.95 3.59 16.21
N PHE B 126 0.75 3.65 17.55
CA PHE B 126 -0.42 3.07 18.18
C PHE B 126 -1.71 3.67 17.63
N ASP B 127 -1.75 5.01 17.49
CA ASP B 127 -2.90 5.70 16.91
C ASP B 127 -3.16 5.23 15.48
N ARG B 128 -2.06 5.00 14.70
CA ARG B 128 -2.12 4.50 13.32
C ARG B 128 -2.80 3.12 13.31
N VAL B 129 -2.38 2.20 14.21
CA VAL B 129 -2.94 0.84 14.34
C VAL B 129 -4.44 0.93 14.55
N LEU B 130 -4.85 1.58 15.65
CA LEU B 130 -6.25 1.75 16.04
C LEU B 130 -7.13 2.28 14.91
N THR B 131 -6.62 3.29 14.18
CA THR B 131 -7.31 3.99 13.09
C THR B 131 -7.32 3.22 11.75
N GLU B 132 -6.13 3.07 11.10
CA GLU B 132 -5.95 2.41 9.81
C GLU B 132 -6.30 0.92 9.82
N LEU B 133 -6.22 0.23 11.00
CA LEU B 133 -6.49 -1.21 11.06
C LEU B 133 -7.72 -1.63 11.85
N VAL B 134 -7.71 -1.45 13.21
CA VAL B 134 -8.84 -1.84 14.08
C VAL B 134 -10.17 -1.24 13.61
N SER B 135 -10.24 0.12 13.56
CA SER B 135 -11.40 0.90 13.14
C SER B 135 -11.96 0.40 11.81
N LYS B 136 -11.10 0.33 10.76
CA LYS B 136 -11.47 -0.12 9.42
C LYS B 136 -11.97 -1.58 9.35
N MET B 137 -11.36 -2.49 10.14
CA MET B 137 -11.82 -3.88 10.23
C MET B 137 -13.19 -3.89 10.94
N ARG B 138 -13.34 -3.08 12.01
CA ARG B 138 -14.58 -2.93 12.78
C ARG B 138 -15.73 -2.32 11.93
N ASP B 139 -15.46 -1.17 11.26
CA ASP B 139 -16.41 -0.43 10.42
C ASP B 139 -16.98 -1.29 9.32
N MET B 140 -16.13 -2.09 8.68
CA MET B 140 -16.54 -2.95 7.60
C MET B 140 -17.02 -4.33 8.08
N GLN B 141 -16.89 -4.65 9.39
CA GLN B 141 -17.24 -5.96 9.99
C GLN B 141 -16.53 -7.08 9.23
N MET B 142 -15.18 -7.07 9.30
CA MET B 142 -14.35 -8.02 8.61
C MET B 142 -14.43 -9.37 9.30
N ASP B 143 -14.81 -10.42 8.55
CA ASP B 143 -14.87 -11.75 9.13
C ASP B 143 -13.50 -12.45 9.19
N LYS B 144 -13.42 -13.48 10.02
CA LYS B 144 -12.24 -14.31 10.24
C LYS B 144 -11.70 -15.04 8.98
N THR B 145 -12.58 -15.36 7.98
CA THR B 145 -12.21 -16.01 6.71
C THR B 145 -11.37 -15.03 5.84
N GLU B 146 -11.85 -13.79 5.73
CA GLU B 146 -11.22 -12.68 5.02
C GLU B 146 -9.89 -12.36 5.69
N LEU B 147 -9.90 -12.30 7.04
CA LEU B 147 -8.71 -12.05 7.84
C LEU B 147 -7.64 -13.09 7.52
N GLY B 148 -8.04 -14.37 7.58
CA GLY B 148 -7.20 -15.52 7.27
C GLY B 148 -6.56 -15.38 5.91
N CYS B 149 -7.38 -15.03 4.91
CA CYS B 149 -6.98 -14.81 3.52
C CYS B 149 -5.99 -13.70 3.37
N LEU B 150 -6.28 -12.52 3.99
CA LEU B 150 -5.38 -11.36 3.94
C LEU B 150 -4.05 -11.78 4.53
N ARG B 151 -4.09 -12.43 5.70
CA ARG B 151 -2.89 -12.98 6.37
C ARG B 151 -2.14 -13.99 5.45
N ALA B 152 -2.89 -14.88 4.75
CA ALA B 152 -2.34 -15.82 3.78
C ALA B 152 -1.71 -15.09 2.57
N ILE B 153 -2.38 -14.02 2.06
CA ILE B 153 -1.82 -13.19 0.97
C ILE B 153 -0.50 -12.55 1.44
N VAL B 154 -0.43 -12.14 2.75
CA VAL B 154 0.78 -11.53 3.32
C VAL B 154 1.84 -12.63 3.43
N LEU B 155 1.47 -13.85 3.92
CA LEU B 155 2.37 -15.00 4.05
C LEU B 155 2.99 -15.30 2.69
N PHE B 156 2.17 -15.52 1.67
CA PHE B 156 2.67 -15.88 0.36
C PHE B 156 3.27 -14.70 -0.44
N ASN B 157 4.42 -14.17 0.03
CA ASN B 157 5.08 -13.03 -0.62
C ASN B 157 6.28 -13.42 -1.49
N PRO B 158 6.06 -13.51 -2.83
CA PRO B 158 7.16 -13.89 -3.73
C PRO B 158 8.38 -12.94 -3.78
N ASP B 159 8.16 -11.67 -3.42
CA ASP B 159 9.20 -10.64 -3.43
C ASP B 159 10.25 -10.84 -2.34
N SER B 160 10.03 -11.82 -1.41
CA SER B 160 10.93 -12.16 -0.29
C SER B 160 12.30 -12.56 -0.81
N LYS B 161 13.34 -11.92 -0.29
CA LYS B 161 14.72 -12.16 -0.71
C LYS B 161 15.20 -13.55 -0.37
N GLY B 162 15.78 -14.22 -1.35
CA GLY B 162 16.38 -15.55 -1.18
C GLY B 162 15.54 -16.80 -1.37
N LEU B 163 14.25 -16.66 -1.72
CA LEU B 163 13.49 -17.89 -1.88
C LEU B 163 13.75 -18.62 -3.18
N SER B 164 14.01 -19.94 -3.05
CA SER B 164 14.23 -20.87 -4.14
C SER B 164 12.88 -21.05 -4.81
N ASN B 165 12.75 -20.48 -6.01
CA ASN B 165 11.50 -20.45 -6.77
C ASN B 165 10.37 -19.63 -6.13
N PRO B 166 10.31 -18.36 -6.53
CA PRO B 166 9.26 -17.47 -6.05
C PRO B 166 7.94 -17.68 -6.79
N ALA B 167 7.98 -18.28 -7.99
CA ALA B 167 6.82 -18.52 -8.83
C ALA B 167 5.80 -19.40 -8.14
N GLU B 168 6.27 -20.37 -7.34
CA GLU B 168 5.41 -21.27 -6.57
C GLU B 168 4.65 -20.45 -5.52
N VAL B 169 5.38 -19.49 -4.87
CA VAL B 169 4.87 -18.60 -3.83
C VAL B 169 3.85 -17.62 -4.45
N GLU B 170 4.22 -17.01 -5.59
CA GLU B 170 3.38 -16.09 -6.36
C GLU B 170 2.08 -16.80 -6.75
N ALA B 171 2.20 -18.06 -7.24
CA ALA B 171 1.04 -18.87 -7.65
C ALA B 171 0.09 -19.07 -6.48
N LEU B 172 0.63 -19.42 -5.30
CA LEU B 172 -0.15 -19.62 -4.07
C LEU B 172 -0.86 -18.36 -3.66
N ARG B 173 -0.20 -17.18 -3.84
CA ARG B 173 -0.79 -15.88 -3.54
C ARG B 173 -1.99 -15.65 -4.47
N GLU B 174 -1.76 -15.88 -5.79
CA GLU B 174 -2.80 -15.75 -6.81
C GLU B 174 -3.99 -16.66 -6.45
N LYS B 175 -3.70 -17.90 -5.95
CA LYS B 175 -4.72 -18.86 -5.50
C LYS B 175 -5.62 -18.29 -4.39
N VAL B 176 -5.04 -17.49 -3.47
CA VAL B 176 -5.77 -16.82 -2.40
C VAL B 176 -6.60 -15.65 -3.00
N TYR B 177 -6.02 -14.86 -3.96
CA TYR B 177 -6.77 -13.74 -4.56
C TYR B 177 -8.10 -14.29 -5.03
N ALA B 178 -8.06 -15.39 -5.84
CA ALA B 178 -9.20 -16.07 -6.45
C ALA B 178 -10.26 -16.53 -5.45
N SER B 179 -9.85 -17.34 -4.46
CA SER B 179 -10.71 -17.90 -3.41
C SER B 179 -11.36 -16.82 -2.55
N LEU B 180 -10.58 -15.78 -2.18
CA LEU B 180 -11.07 -14.66 -1.38
C LEU B 180 -12.08 -13.84 -2.17
N GLU B 181 -11.79 -13.57 -3.45
CA GLU B 181 -12.68 -12.79 -4.33
C GLU B 181 -14.01 -13.52 -4.44
N ALA B 182 -13.94 -14.85 -4.67
CA ALA B 182 -15.04 -15.77 -4.79
C ALA B 182 -15.88 -15.78 -3.53
N TYR B 183 -15.27 -15.89 -2.34
CA TYR B 183 -15.98 -15.88 -1.06
C TYR B 183 -16.75 -14.58 -0.85
N CYS B 184 -16.13 -13.45 -1.22
CA CYS B 184 -16.65 -12.09 -1.08
C CYS B 184 -17.91 -11.91 -1.89
N LYS B 185 -17.85 -12.33 -3.17
CA LYS B 185 -18.95 -12.27 -4.11
C LYS B 185 -20.10 -13.18 -3.64
N HIS B 186 -19.76 -14.37 -3.09
CA HIS B 186 -20.69 -15.36 -2.55
C HIS B 186 -21.34 -14.88 -1.22
N LYS B 187 -20.57 -14.78 -0.12
CA LYS B 187 -21.07 -14.36 1.19
C LYS B 187 -21.62 -12.91 1.22
N TYR B 188 -21.10 -12.02 0.40
CA TYR B 188 -21.56 -10.63 0.40
C TYR B 188 -21.85 -10.12 -1.03
N PRO B 189 -22.96 -10.56 -1.70
CA PRO B 189 -23.23 -10.09 -3.08
C PRO B 189 -23.66 -8.61 -3.14
N GLU B 190 -24.26 -8.09 -2.04
CA GLU B 190 -24.69 -6.71 -1.89
C GLU B 190 -23.49 -5.75 -1.96
N GLN B 191 -22.35 -6.12 -1.32
CA GLN B 191 -21.09 -5.34 -1.29
C GLN B 191 -20.24 -5.78 -2.51
N PRO B 192 -20.32 -5.07 -3.65
CA PRO B 192 -19.61 -5.55 -4.85
C PRO B 192 -18.13 -5.22 -4.91
N GLY B 193 -17.68 -4.34 -4.02
CA GLY B 193 -16.29 -3.93 -3.95
C GLY B 193 -15.64 -4.24 -2.63
N ARG B 194 -16.19 -5.23 -1.89
CA ARG B 194 -15.69 -5.67 -0.59
C ARG B 194 -14.27 -6.23 -0.74
N PHE B 195 -14.03 -7.05 -1.78
CA PHE B 195 -12.73 -7.65 -2.04
C PHE B 195 -11.63 -6.62 -2.23
N ALA B 196 -11.92 -5.53 -2.96
CA ALA B 196 -10.92 -4.45 -3.10
C ALA B 196 -10.80 -3.68 -1.76
N LYS B 197 -11.95 -3.48 -1.05
CA LYS B 197 -11.95 -2.80 0.26
C LYS B 197 -11.02 -3.53 1.25
N LEU B 198 -10.95 -4.88 1.11
CA LEU B 198 -10.08 -5.72 1.93
C LEU B 198 -8.65 -5.61 1.44
N LEU B 199 -8.40 -5.82 0.15
CA LEU B 199 -7.02 -5.71 -0.34
C LEU B 199 -6.37 -4.36 -0.01
N LEU B 200 -7.16 -3.27 0.02
CA LEU B 200 -6.65 -1.92 0.30
C LEU B 200 -6.29 -1.65 1.77
N ARG B 201 -6.48 -2.66 2.62
CA ARG B 201 -6.08 -2.63 4.01
C ARG B 201 -4.63 -3.09 4.14
N LEU B 202 -4.12 -3.76 3.09
CA LEU B 202 -2.76 -4.25 3.03
C LEU B 202 -1.69 -3.15 2.91
N PRO B 203 -1.86 -2.04 2.11
CA PRO B 203 -0.84 -0.96 2.13
C PRO B 203 -0.61 -0.34 3.54
N ALA B 204 -1.72 -0.15 4.30
CA ALA B 204 -1.74 0.36 5.67
C ALA B 204 -0.94 -0.58 6.61
N LEU B 205 -1.18 -1.90 6.50
CA LEU B 205 -0.47 -2.94 7.26
C LEU B 205 1.00 -2.97 6.87
N ARG B 206 1.35 -2.77 5.56
CA ARG B 206 2.76 -2.78 5.14
C ARG B 206 3.46 -1.57 5.72
N SER B 207 2.79 -0.41 5.65
CA SER B 207 3.30 0.83 6.21
C SER B 207 3.46 0.72 7.73
N ILE B 208 2.38 0.32 8.47
CA ILE B 208 2.42 0.16 9.93
C ILE B 208 3.47 -0.85 10.39
N GLY B 209 3.42 -2.05 9.85
CA GLY B 209 4.35 -3.14 10.14
C GLY B 209 5.81 -2.76 10.08
N LEU B 210 6.18 -1.88 9.12
CA LEU B 210 7.54 -1.36 8.92
C LEU B 210 8.00 -0.44 10.02
N LYS B 211 7.10 0.46 10.48
CA LYS B 211 7.42 1.37 11.56
C LYS B 211 7.48 0.64 12.90
N CYS B 212 6.61 -0.38 13.09
CA CYS B 212 6.61 -1.17 14.31
C CYS B 212 7.93 -1.90 14.45
N LEU B 213 8.46 -2.41 13.32
CA LEU B 213 9.74 -3.10 13.25
C LEU B 213 10.89 -2.19 13.64
N GLU B 214 10.86 -0.91 13.17
CA GLU B 214 11.87 0.12 13.48
C GLU B 214 11.93 0.30 14.99
N HIS B 215 10.76 0.62 15.62
CA HIS B 215 10.66 0.75 17.06
C HIS B 215 11.20 -0.46 17.76
N LEU B 216 10.80 -1.67 17.33
CA LEU B 216 11.30 -2.92 17.88
C LEU B 216 12.84 -2.94 17.93
N PHE B 217 13.56 -2.60 16.83
CA PHE B 217 15.03 -2.54 16.80
C PHE B 217 15.56 -1.40 17.65
N PHE B 218 14.86 -0.27 17.67
CA PHE B 218 15.25 0.84 18.53
C PHE B 218 15.22 0.34 20.00
N PHE B 219 14.10 -0.30 20.44
CA PHE B 219 13.95 -0.88 21.79
C PHE B 219 14.89 -2.04 22.03
N LYS B 220 15.26 -2.78 20.97
CA LYS B 220 16.15 -3.93 21.08
C LYS B 220 17.54 -3.45 21.48
N LEU B 221 17.99 -2.34 20.88
CA LEU B 221 19.30 -1.73 21.11
C LEU B 221 19.41 -1.06 22.46
N ILE B 222 18.45 -0.14 22.83
CA ILE B 222 18.42 0.55 24.15
C ILE B 222 18.69 -0.42 25.32
N GLY B 223 18.23 -1.67 25.18
CA GLY B 223 18.42 -2.76 26.13
C GLY B 223 17.47 -2.80 27.30
N ASP B 224 16.81 -1.68 27.58
CA ASP B 224 15.88 -1.50 28.69
C ASP B 224 14.57 -2.28 28.56
N THR B 225 14.16 -2.60 27.31
CA THR B 225 12.97 -3.40 27.06
C THR B 225 13.37 -4.90 26.92
N PRO B 226 12.83 -5.79 27.79
CA PRO B 226 13.21 -7.22 27.71
C PRO B 226 12.49 -7.99 26.61
N ILE B 227 13.26 -8.36 25.57
CA ILE B 227 12.79 -9.12 24.42
C ILE B 227 13.07 -10.61 24.63
N ASP B 228 12.02 -11.44 24.55
CA ASP B 228 12.18 -12.89 24.73
C ASP B 228 12.84 -13.60 23.52
N THR B 229 13.18 -14.87 23.72
CA THR B 229 13.87 -15.78 22.81
C THR B 229 13.46 -15.78 21.31
N PHE B 230 12.17 -16.04 20.98
CA PHE B 230 11.68 -16.11 19.60
C PHE B 230 11.67 -14.72 18.95
N LEU B 231 11.13 -13.70 19.66
CA LEU B 231 11.08 -12.32 19.18
C LEU B 231 12.47 -11.85 18.81
N MET B 232 13.45 -12.17 19.68
CA MET B 232 14.86 -11.86 19.51
C MET B 232 15.37 -12.52 18.26
N GLU B 233 15.09 -13.82 18.11
CA GLU B 233 15.49 -14.60 16.96
C GLU B 233 15.04 -13.97 15.64
N MET B 234 13.88 -13.29 15.66
CA MET B 234 13.31 -12.59 14.51
C MET B 234 14.07 -11.31 14.25
N LEU B 235 14.44 -10.58 15.33
CA LEU B 235 15.15 -9.30 15.29
C LEU B 235 16.67 -9.43 15.03
N GLU B 236 17.15 -10.65 14.79
CA GLU B 236 18.57 -10.92 14.51
C GLU B 236 18.70 -11.66 13.19
N ALA B 237 19.91 -11.67 12.59
CA ALA B 237 20.17 -12.38 11.33
C ALA B 237 19.98 -13.91 11.53
N PRO B 238 19.65 -14.68 10.47
CA PRO B 238 19.43 -16.13 10.68
C PRO B 238 20.73 -16.93 10.83
C1 T3 C . 7.04 14.20 -11.41
C2 T3 C . 11.00 14.13 -8.35
C3 T3 C . 7.93 15.28 -11.41
C4 T3 C . 12.28 14.50 -8.00
C5 T3 C . 9.20 15.16 -10.86
C6 T3 C . 12.51 14.98 -6.71
C7 T3 C . 9.60 13.87 -10.27
C8 T3 C . 11.39 15.05 -5.72
C9 T3 C . 8.63 12.77 -10.29
C10 T3 C . 10.13 14.64 -6.13
C11 T3 C . 7.38 12.97 -10.86
C12 T3 C . 9.94 14.16 -7.43
C13 T3 C . 5.69 14.35 -12.09
CA T3 C . 5.49 13.27 -13.17
C T3 C . 4.43 13.69 -14.14
I1 T3 C . 10.56 16.75 -10.79
I2 T3 C . 14.40 15.61 -6.10
I3 T3 C . 9.19 10.93 -9.50
N T3 C . 6.70 12.94 -13.89
O1 T3 C . 11.66 15.51 -4.47
O2 T3 C . 10.81 13.69 -9.65
OXT T3 C . 4.60 13.41 -15.35
O T3 C . 3.42 14.27 -13.70
C1 9CR D . 3.57 -1.87 18.58
C2 9CR D . 3.57 -1.25 19.99
C3 9CR D . 4.81 -0.35 20.29
C4 9CR D . 6.09 -0.68 19.50
C5 9CR D . 6.08 -1.99 18.78
C6 9CR D . 4.94 -2.59 18.36
C7 9CR D . 5.03 -3.85 17.67
C8 9CR D . 4.30 -4.95 17.95
C9 9CR D . 4.44 -6.14 17.17
C10 9CR D . 3.72 -7.27 17.42
C11 9CR D . 2.75 -7.39 18.39
C12 9CR D . 2.13 -8.57 18.47
C13 9CR D . 1.21 -8.83 19.50
C14 9CR D . 0.50 -9.99 19.35
C15 9CR D . -0.72 -10.43 19.94
C16 9CR D . 2.28 -2.67 18.29
C17 9CR D . 3.39 -0.67 17.68
C18 9CR D . 7.45 -2.57 18.59
C19 9CR D . 5.43 -6.27 16.04
C20 9CR D . 0.76 -7.72 20.42
O1 9CR D . -1.30 -9.89 20.87
O2 9CR D . -1.24 -11.57 19.46
#